data_8QLQ
#
_entry.id   8QLQ
#
_cell.length_a   38.127
_cell.length_b   79.753
_cell.length_c   100.537
_cell.angle_alpha   90.000
_cell.angle_beta   90.000
_cell.angle_gamma   90.000
#
_symmetry.space_group_name_H-M   'P 21 21 21'
#
loop_
_entity.id
_entity.type
_entity.pdbx_description
1 polymer 'Serine/threonine-protein kinase 24'
2 non-polymer 'macrocyclic inhibitor'
3 non-polymer 1,2-ETHANEDIOL
4 water water
#
_entity_poly.entity_id   1
_entity_poly.type   'polypeptide(L)'
_entity_poly.pdbx_seq_one_letter_code
;MRAQLWGLALNKRRATLPHPGGSTNLKADPEELFTKLEKIGKGSFGEVFKGIDNRTQKVVAIKIIDLEEAEDEIEDIQQE
ITVLSQCDSPYVTKYYGSYLKDTKLWIIMEYLGGGSALDLLEPGPLDETQIATILREILKGLDYLHSEKKIHRDIKAANV
LLSEHGEVKLADFGVAGQLTDTQIKRNTFVGTPFWMAPEVIKQSAYDSKADIWSLGITAIELARGEPPHSELHPMKVLFL
IPKNNPPTLEGNYSKPLKEFVEACLNKEPSFRPTAKELLKHKFILRNAKKTSYLTELIDAHHHHHH
;
_entity_poly.pdbx_strand_id   A
#
loop_
_chem_comp.id
_chem_comp.type
_chem_comp.name
_chem_comp.formula
EDO non-polymer 1,2-ETHANEDIOL 'C2 H6 O2'
VY0 non-polymer 'macrocyclic inhibitor' 'C17 H19 N7 O'
#
# COMPACT_ATOMS: atom_id res chain seq x y z
C THR A 24 29.08 1.14 -19.71
N ASN A 25 29.21 -0.05 -19.12
CA ASN A 25 28.12 -0.64 -18.34
C ASN A 25 28.46 -0.64 -16.85
N LEU A 26 29.42 0.19 -16.46
CA LEU A 26 29.78 0.33 -15.06
C LEU A 26 28.68 1.08 -14.33
N LYS A 27 28.13 0.47 -13.28
CA LYS A 27 26.97 1.00 -12.58
C LYS A 27 27.39 1.88 -11.41
N ALA A 28 26.59 2.91 -11.15
CA ALA A 28 26.81 3.74 -9.97
C ALA A 28 26.58 2.92 -8.71
N ASP A 29 27.43 3.12 -7.71
CA ASP A 29 27.27 2.44 -6.44
C ASP A 29 26.27 3.19 -5.57
N PRO A 30 25.12 2.60 -5.24
CA PRO A 30 24.17 3.31 -4.36
C PRO A 30 24.71 3.59 -2.98
N GLU A 31 25.64 2.76 -2.48
CA GLU A 31 26.21 2.99 -1.15
C GLU A 31 27.12 4.21 -1.12
N GLU A 32 27.56 4.69 -2.29
CA GLU A 32 28.25 5.96 -2.38
C GLU A 32 27.29 7.11 -2.64
N LEU A 33 26.24 6.86 -3.42
CA LEU A 33 25.25 7.89 -3.70
C LEU A 33 24.39 8.22 -2.49
N PHE A 34 24.16 7.25 -1.60
CA PHE A 34 23.25 7.43 -0.48
C PHE A 34 23.89 6.96 0.82
N THR A 35 23.61 7.66 1.90
CA THR A 35 23.94 7.20 3.24
C THR A 35 22.71 6.51 3.82
N LYS A 36 22.82 5.20 4.05
CA LYS A 36 21.72 4.45 4.62
C LYS A 36 21.70 4.67 6.14
N LEU A 37 20.60 5.23 6.66
CA LEU A 37 20.46 5.42 8.09
C LEU A 37 19.61 4.30 8.68
N GLU A 38 18.79 4.60 9.68
CA GLU A 38 18.14 3.55 10.46
C GLU A 38 17.03 2.88 9.67
N LYS A 39 16.77 1.61 10.02
CA LYS A 39 15.60 0.95 9.48
C LYS A 39 14.34 1.64 9.99
N ILE A 40 13.33 1.77 9.13
CA ILE A 40 12.09 2.45 9.49
C ILE A 40 10.86 1.56 9.33
N GLY A 41 10.97 0.40 8.73
CA GLY A 41 9.81 -0.46 8.63
C GLY A 41 9.99 -1.60 7.66
N LYS A 42 9.18 -2.63 7.81
CA LYS A 42 9.19 -3.73 6.85
C LYS A 42 8.33 -3.34 5.67
N GLY A 43 8.91 -3.39 4.47
CA GLY A 43 8.15 -3.21 3.25
C GLY A 43 7.90 -4.54 2.57
N SER A 44 6.99 -4.53 1.61
CA SER A 44 6.92 -5.68 0.71
C SER A 44 8.26 -5.87 0.02
N PHE A 45 8.76 -7.10 -0.01
CA PHE A 45 9.95 -7.52 -0.73
C PHE A 45 11.26 -6.99 -0.14
N GLY A 46 11.25 -6.19 0.91
CA GLY A 46 12.50 -5.77 1.50
C GLY A 46 12.28 -4.79 2.64
N GLU A 47 13.33 -4.62 3.43
CA GLU A 47 13.27 -3.67 4.52
C GLU A 47 13.46 -2.25 3.99
N VAL A 48 12.92 -1.29 4.73
CA VAL A 48 12.93 0.12 4.32
C VAL A 48 13.80 0.89 5.30
N PHE A 49 14.59 1.81 4.79
CA PHE A 49 15.51 2.59 5.62
C PHE A 49 15.31 4.08 5.36
N LYS A 50 15.61 4.89 6.37
CA LYS A 50 15.81 6.30 6.11
C LYS A 50 17.20 6.48 5.50
N GLY A 51 17.33 7.44 4.58
CA GLY A 51 18.58 7.63 3.89
C GLY A 51 18.81 9.09 3.62
N ILE A 52 20.04 9.41 3.22
CA ILE A 52 20.40 10.74 2.74
C ILE A 52 20.93 10.61 1.32
N ASP A 53 20.37 11.37 0.39
CA ASP A 53 20.99 11.55 -0.91
C ASP A 53 22.25 12.37 -0.72
N ASN A 54 23.43 11.77 -0.94
CA ASN A 54 24.68 12.46 -0.62
C ASN A 54 24.92 13.65 -1.54
N ARG A 55 24.38 13.63 -2.76
CA ARG A 55 24.58 14.75 -3.67
C ARG A 55 23.81 15.98 -3.20
N THR A 56 22.57 15.80 -2.78
CA THR A 56 21.72 16.92 -2.37
C THR A 56 21.60 17.08 -0.86
N GLN A 57 22.07 16.11 -0.08
CA GLN A 57 21.91 16.13 1.38
C GLN A 57 20.44 16.19 1.78
N LYS A 58 19.57 15.53 1.02
CA LYS A 58 18.13 15.49 1.30
C LYS A 58 17.74 14.10 1.80
N VAL A 59 16.78 14.08 2.73
CA VAL A 59 16.30 12.82 3.30
C VAL A 59 15.45 12.09 2.27
N VAL A 60 15.61 10.77 2.21
CA VAL A 60 14.83 9.91 1.33
C VAL A 60 14.53 8.64 2.12
N ALA A 61 13.66 7.81 1.55
CA ALA A 61 13.46 6.43 2.01
C ALA A 61 14.07 5.50 0.98
N ILE A 62 14.62 4.38 1.46
CA ILE A 62 15.35 3.45 0.60
C ILE A 62 14.81 2.05 0.89
N LYS A 63 14.38 1.35 -0.15
CA LYS A 63 14.03 -0.06 0.02
C LYS A 63 14.96 -0.90 -0.85
N ILE A 64 15.59 -1.90 -0.23
CA ILE A 64 16.52 -2.79 -0.92
C ILE A 64 15.82 -4.13 -1.13
N ILE A 65 15.62 -4.51 -2.40
CA ILE A 65 15.01 -5.78 -2.77
C ILE A 65 16.10 -6.69 -3.30
N ASP A 66 16.14 -7.92 -2.78
CA ASP A 66 17.07 -8.94 -3.27
C ASP A 66 16.44 -9.63 -4.47
N LEU A 67 17.01 -9.40 -5.66
CA LEU A 67 16.52 -9.97 -6.90
C LEU A 67 17.45 -11.04 -7.45
N GLU A 68 18.16 -11.75 -6.56
CA GLU A 68 19.07 -12.80 -6.98
C GLU A 68 18.39 -13.79 -7.91
N GLU A 69 17.17 -14.20 -7.56
CA GLU A 69 16.43 -15.19 -8.35
C GLU A 69 15.63 -14.57 -9.49
N ALA A 70 15.88 -13.31 -9.83
CA ALA A 70 15.18 -12.64 -10.93
C ALA A 70 15.98 -11.46 -11.46
N GLU A 73 12.44 -10.17 -14.43
CA GLU A 73 13.27 -9.32 -15.28
C GLU A 73 13.60 -8.01 -14.57
N ILE A 74 14.87 -7.83 -14.22
CA ILE A 74 15.26 -6.68 -13.40
C ILE A 74 15.11 -5.39 -14.19
N GLU A 75 15.56 -5.36 -15.45
CA GLU A 75 15.58 -4.11 -16.19
C GLU A 75 14.17 -3.61 -16.51
N ASP A 76 13.21 -4.53 -16.65
CA ASP A 76 11.82 -4.13 -16.79
C ASP A 76 11.30 -3.44 -15.54
N ILE A 77 11.71 -3.91 -14.36
CA ILE A 77 11.27 -3.26 -13.13
C ILE A 77 11.89 -1.87 -13.02
N GLN A 78 13.18 -1.74 -13.34
CA GLN A 78 13.83 -0.44 -13.26
C GLN A 78 13.22 0.54 -14.26
N GLN A 79 12.93 0.07 -15.48
CA GLN A 79 12.29 0.95 -16.46
C GLN A 79 10.93 1.44 -15.96
N GLU A 80 10.16 0.57 -15.32
CA GLU A 80 8.85 1.01 -14.83
C GLU A 80 9.01 1.98 -13.65
N ILE A 81 10.00 1.75 -12.78
CA ILE A 81 10.25 2.71 -11.71
C ILE A 81 10.62 4.08 -12.28
N THR A 82 11.37 4.11 -13.38
CA THR A 82 11.67 5.39 -14.03
C THR A 82 10.39 6.07 -14.51
N VAL A 83 9.51 5.30 -15.16
CA VAL A 83 8.21 5.84 -15.57
C VAL A 83 7.44 6.36 -14.35
N LEU A 84 7.39 5.57 -13.28
CA LEU A 84 6.60 5.96 -12.10
C LEU A 84 7.21 7.15 -11.36
N SER A 85 8.51 7.41 -11.54
CA SER A 85 9.14 8.59 -10.97
C SER A 85 8.63 9.88 -11.60
N GLN A 86 7.95 9.80 -12.75
CA GLN A 86 7.31 10.97 -13.34
C GLN A 86 5.95 11.26 -12.74
N CYS A 87 5.38 10.33 -11.99
CA CYS A 87 4.11 10.58 -11.33
C CYS A 87 4.25 11.74 -10.36
N ASP A 88 3.15 12.46 -10.19
CA ASP A 88 3.19 13.70 -9.42
C ASP A 88 1.77 13.95 -8.90
N SER A 89 1.56 13.65 -7.62
CA SER A 89 0.27 13.81 -6.97
C SER A 89 0.48 14.07 -5.49
N PRO A 90 -0.32 14.94 -4.87
CA PRO A 90 -0.22 15.12 -3.41
C PRO A 90 -0.53 13.87 -2.61
N TYR A 91 -1.16 12.87 -3.21
CA TYR A 91 -1.68 11.71 -2.50
C TYR A 91 -0.83 10.47 -2.72
N VAL A 92 0.33 10.61 -3.36
CA VAL A 92 1.19 9.49 -3.71
C VAL A 92 2.65 9.88 -3.46
N THR A 93 3.40 9.00 -2.81
CA THR A 93 4.82 9.25 -2.59
C THR A 93 5.57 9.31 -3.92
N LYS A 94 6.59 10.17 -3.98
CA LYS A 94 7.46 10.20 -5.14
C LYS A 94 8.37 8.98 -5.17
N TYR A 95 8.64 8.48 -6.37
CA TYR A 95 9.79 7.64 -6.62
C TYR A 95 10.94 8.50 -7.13
N TYR A 96 12.16 8.14 -6.73
CA TYR A 96 13.35 8.82 -7.25
C TYR A 96 14.28 7.82 -7.91
N GLY A 97 13.75 6.94 -8.74
CA GLY A 97 14.60 6.00 -9.45
C GLY A 97 15.02 4.82 -8.59
N SER A 98 15.95 4.04 -9.15
CA SER A 98 16.47 2.86 -8.49
C SER A 98 17.88 2.60 -9.00
N TYR A 99 18.64 1.86 -8.20
CA TYR A 99 20.05 1.62 -8.49
C TYR A 99 20.36 0.17 -8.18
N LEU A 100 20.84 -0.55 -9.18
CA LEU A 100 21.16 -1.96 -9.01
C LEU A 100 22.59 -2.11 -8.54
N LYS A 101 22.80 -2.95 -7.53
CA LYS A 101 24.13 -3.27 -7.02
C LYS A 101 24.19 -4.79 -6.84
N ASP A 102 24.90 -5.46 -7.73
CA ASP A 102 25.02 -6.92 -7.73
C ASP A 102 23.61 -7.51 -7.84
N THR A 103 23.11 -8.23 -6.84
CA THR A 103 21.79 -8.82 -6.91
C THR A 103 20.74 -8.01 -6.16
N LYS A 104 21.07 -6.80 -5.70
CA LYS A 104 20.19 -6.01 -4.85
C LYS A 104 19.77 -4.75 -5.58
N LEU A 105 18.47 -4.46 -5.54
CA LEU A 105 17.90 -3.27 -6.16
C LEU A 105 17.57 -2.26 -5.08
N TRP A 106 18.26 -1.12 -5.10
CA TRP A 106 17.97 -0.02 -4.20
C TRP A 106 16.92 0.88 -4.83
N ILE A 107 15.69 0.87 -4.29
CA ILE A 107 14.62 1.77 -4.72
C ILE A 107 14.64 2.99 -3.81
N ILE A 108 14.59 4.18 -4.41
CA ILE A 108 14.66 5.44 -3.66
C ILE A 108 13.28 6.09 -3.71
N MET A 109 12.79 6.54 -2.56
CA MET A 109 11.43 7.06 -2.48
C MET A 109 11.41 8.30 -1.61
N GLU A 110 10.34 9.06 -1.74
CA GLU A 110 10.03 10.14 -0.81
C GLU A 110 9.90 9.61 0.62
N TYR A 111 10.50 10.33 1.58
CA TYR A 111 10.41 9.95 2.98
C TYR A 111 9.27 10.69 3.65
N LEU A 112 8.40 9.95 4.34
CA LEU A 112 7.39 10.49 5.23
C LEU A 112 7.64 9.95 6.63
N GLY A 113 7.60 10.82 7.64
CA GLY A 113 7.97 10.42 8.98
C GLY A 113 6.89 10.25 10.02
N GLY A 114 5.61 10.30 9.64
CA GLY A 114 4.55 10.12 10.62
C GLY A 114 4.27 8.69 11.00
N GLY A 115 4.72 7.75 10.18
CA GLY A 115 4.41 6.35 10.35
C GLY A 115 3.38 5.87 9.35
N SER A 116 3.40 4.57 9.08
CA SER A 116 2.34 4.01 8.25
C SER A 116 1.05 3.85 9.06
N ALA A 117 -0.06 3.69 8.34
CA ALA A 117 -1.30 3.40 9.03
C ALA A 117 -1.20 2.11 9.84
N LEU A 118 -0.42 1.12 9.35
CA LEU A 118 -0.20 -0.07 10.15
C LEU A 118 0.52 0.26 11.45
N ASP A 119 1.58 1.07 11.37
CA ASP A 119 2.27 1.49 12.59
C ASP A 119 1.30 2.15 13.55
N LEU A 120 0.44 3.02 13.01
CA LEU A 120 -0.45 3.82 13.85
C LEU A 120 -1.65 3.02 14.34
N LEU A 121 -1.80 1.76 13.91
CA LEU A 121 -2.79 0.86 14.49
C LEU A 121 -2.31 0.21 15.78
N GLU A 122 -1.01 0.26 16.06
CA GLU A 122 -0.46 -0.42 17.23
C GLU A 122 -1.09 0.00 18.56
N PRO A 123 -1.34 1.29 18.83
CA PRO A 123 -1.86 1.66 20.15
C PRO A 123 -3.30 1.26 20.39
N GLY A 124 -4.08 1.01 19.36
CA GLY A 124 -5.45 0.62 19.55
C GLY A 124 -6.32 0.95 18.37
N PRO A 125 -7.63 0.75 18.53
CA PRO A 125 -8.54 0.89 17.38
C PRO A 125 -8.63 2.33 16.92
N LEU A 126 -8.77 2.51 15.62
CA LEU A 126 -9.09 3.82 15.06
C LEU A 126 -10.59 4.08 15.17
N ASP A 127 -10.96 5.36 15.26
CA ASP A 127 -12.38 5.69 15.22
C ASP A 127 -12.81 5.88 13.76
N GLU A 128 -14.13 5.94 13.54
CA GLU A 128 -14.62 5.96 12.17
C GLU A 128 -14.27 7.25 11.45
N THR A 129 -14.09 8.36 12.18
CA THR A 129 -13.61 9.58 11.51
C THR A 129 -12.17 9.40 11.00
N GLN A 130 -11.31 8.81 11.82
CA GLN A 130 -9.95 8.54 11.35
C GLN A 130 -9.96 7.61 10.15
N ILE A 131 -10.79 6.56 10.20
CA ILE A 131 -10.87 5.62 9.10
C ILE A 131 -11.34 6.34 7.82
N ALA A 132 -12.40 7.13 7.94
CA ALA A 132 -12.96 7.81 6.77
C ALA A 132 -11.98 8.82 6.20
N THR A 133 -11.29 9.56 7.06
CA THR A 133 -10.27 10.49 6.60
C THR A 133 -9.16 9.77 5.82
N ILE A 134 -8.65 8.68 6.37
CA ILE A 134 -7.57 7.95 5.72
C ILE A 134 -8.04 7.36 4.40
N LEU A 135 -9.24 6.74 4.41
CA LEU A 135 -9.78 6.16 3.18
C LEU A 135 -9.99 7.22 2.11
N ARG A 136 -10.45 8.41 2.50
CA ARG A 136 -10.66 9.46 1.51
C ARG A 136 -9.35 9.81 0.81
N GLU A 137 -8.27 9.93 1.58
CA GLU A 137 -6.98 10.26 0.98
C GLU A 137 -6.47 9.12 0.11
N ILE A 138 -6.65 7.87 0.57
CA ILE A 138 -6.28 6.71 -0.26
C ILE A 138 -7.02 6.76 -1.59
N LEU A 139 -8.33 7.03 -1.53
CA LEU A 139 -9.15 7.07 -2.73
C LEU A 139 -8.68 8.14 -3.70
N LYS A 140 -8.29 9.31 -3.19
CA LYS A 140 -7.78 10.33 -4.09
C LYS A 140 -6.47 9.88 -4.75
N GLY A 141 -5.62 9.17 -3.99
CA GLY A 141 -4.42 8.61 -4.59
C GLY A 141 -4.71 7.52 -5.60
N LEU A 142 -5.69 6.66 -5.31
CA LEU A 142 -6.08 5.64 -6.29
C LEU A 142 -6.68 6.27 -7.53
N ASP A 143 -7.53 7.29 -7.37
CA ASP A 143 -8.09 7.97 -8.52
C ASP A 143 -6.98 8.53 -9.41
N TYR A 144 -5.95 9.12 -8.79
CA TYR A 144 -4.81 9.62 -9.58
C TYR A 144 -4.12 8.50 -10.35
N LEU A 145 -3.72 7.44 -9.65
CA LEU A 145 -2.98 6.36 -10.30
C LEU A 145 -3.80 5.72 -11.41
N HIS A 146 -5.08 5.44 -11.14
CA HIS A 146 -5.93 4.83 -12.15
C HIS A 146 -6.14 5.75 -13.34
N SER A 147 -6.21 7.07 -13.11
CA SER A 147 -6.36 8.00 -14.22
C SER A 147 -5.09 8.02 -15.08
N GLU A 148 -3.95 7.67 -14.50
CA GLU A 148 -2.70 7.52 -15.22
C GLU A 148 -2.50 6.11 -15.74
N LYS A 149 -3.55 5.29 -15.74
CA LYS A 149 -3.52 3.92 -16.24
C LYS A 149 -2.52 3.07 -15.48
N LYS A 150 -2.34 3.36 -14.19
CA LYS A 150 -1.53 2.55 -13.29
C LYS A 150 -2.41 1.83 -12.29
N ILE A 151 -1.89 0.72 -11.76
CA ILE A 151 -2.52 -0.04 -10.69
C ILE A 151 -1.56 -0.01 -9.50
N HIS A 152 -2.06 0.36 -8.33
CA HIS A 152 -1.19 0.33 -7.16
C HIS A 152 -0.68 -1.08 -6.89
N ARG A 153 -1.60 -2.04 -6.79
CA ARG A 153 -1.37 -3.48 -6.71
C ARG A 153 -0.82 -3.93 -5.35
N ASP A 154 -0.57 -3.01 -4.41
CA ASP A 154 -0.17 -3.43 -3.06
C ASP A 154 -0.83 -2.55 -2.00
N ILE A 155 -2.13 -2.31 -2.13
CA ILE A 155 -2.85 -1.52 -1.13
C ILE A 155 -3.03 -2.34 0.14
N LYS A 156 -2.61 -1.77 1.28
CA LYS A 156 -2.68 -2.34 2.62
C LYS A 156 -2.28 -1.22 3.56
N ALA A 157 -2.62 -1.38 4.84
CA ALA A 157 -2.33 -0.28 5.78
C ALA A 157 -0.84 0.02 5.87
N ALA A 158 0.02 -0.99 5.69
CA ALA A 158 1.47 -0.77 5.76
C ALA A 158 1.99 0.17 4.67
N ASN A 159 1.28 0.27 3.55
CA ASN A 159 1.70 1.10 2.43
C ASN A 159 0.90 2.41 2.34
N VAL A 160 0.25 2.78 3.43
CA VAL A 160 -0.47 4.05 3.54
C VAL A 160 0.33 4.88 4.53
N LEU A 161 0.93 5.99 4.09
CA LEU A 161 1.89 6.71 4.93
C LEU A 161 1.32 8.02 5.41
N LEU A 162 1.70 8.41 6.62
CA LEU A 162 1.40 9.74 7.14
C LEU A 162 2.67 10.59 7.21
N SER A 163 2.52 11.88 6.91
CA SER A 163 3.55 12.84 7.24
C SER A 163 3.42 13.26 8.70
N GLU A 164 4.45 13.94 9.21
CA GLU A 164 4.36 14.46 10.56
C GLU A 164 3.19 15.40 10.75
N HIS A 165 2.65 15.97 9.67
CA HIS A 165 1.54 16.89 9.74
C HIS A 165 0.19 16.23 9.49
N GLY A 166 0.17 14.92 9.25
CA GLY A 166 -1.09 14.22 9.04
C GLY A 166 -1.47 14.02 7.59
N GLU A 167 -0.67 14.52 6.65
CA GLU A 167 -0.94 14.24 5.24
C GLU A 167 -0.82 12.75 5.00
N VAL A 168 -1.62 12.23 4.08
CA VAL A 168 -1.67 10.80 3.78
C VAL A 168 -1.27 10.57 2.33
N LYS A 169 -0.34 9.64 2.09
CA LYS A 169 0.09 9.31 0.74
C LYS A 169 0.24 7.81 0.58
N LEU A 170 -0.15 7.30 -0.59
CA LEU A 170 0.14 5.91 -0.94
C LEU A 170 1.61 5.70 -1.25
N ALA A 171 2.14 4.53 -0.85
CA ALA A 171 3.54 4.19 -1.10
C ALA A 171 3.65 2.85 -1.82
N ASP A 172 4.84 2.62 -2.39
CA ASP A 172 5.22 1.32 -2.97
C ASP A 172 4.17 0.83 -3.96
N PHE A 173 3.79 1.73 -4.86
CA PHE A 173 2.79 1.49 -5.89
C PHE A 173 3.41 1.06 -7.23
N GLY A 174 2.64 0.29 -8.01
CA GLY A 174 2.96 0.11 -9.41
C GLY A 174 4.03 -0.92 -9.74
N VAL A 175 4.53 -1.67 -8.77
CA VAL A 175 5.58 -2.64 -9.05
C VAL A 175 5.30 -4.04 -8.54
N ALA A 176 4.37 -4.24 -7.59
CA ALA A 176 4.23 -5.57 -6.97
C ALA A 176 3.83 -6.62 -7.99
N GLY A 177 3.09 -6.22 -9.02
CA GLY A 177 2.71 -7.19 -10.04
C GLY A 177 3.91 -7.75 -10.77
N GLN A 178 4.88 -6.88 -11.09
N GLN A 178 4.87 -6.89 -11.11
CA GLN A 178 6.11 -7.30 -11.76
CA GLN A 178 6.07 -7.40 -11.79
C GLN A 178 6.98 -8.17 -10.89
C GLN A 178 6.87 -8.34 -10.89
N LEU A 179 6.73 -8.21 -9.58
CA LEU A 179 7.51 -9.01 -8.65
C LEU A 179 6.78 -10.27 -8.18
N THR A 180 5.50 -10.43 -8.47
CA THR A 180 4.75 -11.54 -7.90
C THR A 180 3.90 -12.31 -8.93
N ASP A 181 3.48 -11.66 -10.01
CA ASP A 181 2.48 -12.28 -10.89
C ASP A 181 2.99 -13.59 -11.48
N THR A 182 4.25 -13.62 -11.93
CA THR A 182 4.80 -14.85 -12.48
C THR A 182 4.86 -15.94 -11.42
N GLN A 183 5.29 -15.58 -10.20
CA GLN A 183 5.30 -16.54 -9.10
C GLN A 183 3.91 -17.10 -8.84
N ILE A 184 2.88 -16.25 -8.88
CA ILE A 184 1.52 -16.72 -8.63
C ILE A 184 1.10 -17.70 -9.72
N LYS A 185 1.44 -17.39 -10.98
CA LYS A 185 1.14 -18.33 -12.06
C LYS A 185 1.83 -19.67 -11.83
N ARG A 186 3.07 -19.66 -11.34
CA ARG A 186 3.84 -20.88 -11.16
C ARG A 186 3.56 -21.61 -9.85
N ASN A 187 2.63 -21.11 -9.04
CA ASN A 187 2.43 -21.61 -7.68
C ASN A 187 3.76 -21.64 -6.91
N THR A 188 4.57 -20.60 -7.12
CA THR A 188 5.80 -20.41 -6.35
C THR A 188 5.73 -19.16 -5.49
N PHE A 189 4.58 -18.50 -5.44
CA PHE A 189 4.41 -17.32 -4.61
C PHE A 189 4.29 -17.73 -3.14
N VAL A 190 5.08 -17.10 -2.27
CA VAL A 190 5.04 -17.44 -0.85
C VAL A 190 4.85 -16.17 -0.03
N GLY A 191 4.49 -15.07 -0.69
CA GLY A 191 4.23 -13.83 -0.01
C GLY A 191 2.88 -13.82 0.69
N THR A 192 2.50 -12.64 1.13
CA THR A 192 1.29 -12.56 1.94
C THR A 192 0.07 -12.32 1.05
N PRO A 193 -1.00 -13.11 1.18
CA PRO A 193 -2.12 -13.00 0.23
C PRO A 193 -3.34 -12.22 0.72
N PHE A 194 -3.34 -11.71 1.95
CA PHE A 194 -4.60 -11.31 2.59
C PHE A 194 -5.29 -10.16 1.86
N TRP A 195 -4.53 -9.33 1.15
CA TRP A 195 -5.10 -8.14 0.49
C TRP A 195 -5.32 -8.32 -1.01
N MET A 196 -5.09 -9.51 -1.55
CA MET A 196 -5.19 -9.71 -2.99
C MET A 196 -6.61 -10.00 -3.44
N ALA A 197 -7.00 -9.36 -4.54
CA ALA A 197 -8.29 -9.63 -5.16
C ALA A 197 -8.31 -11.05 -5.69
N PRO A 198 -9.50 -11.66 -5.76
CA PRO A 198 -9.57 -13.04 -6.29
C PRO A 198 -8.98 -13.14 -7.69
N GLU A 199 -9.19 -12.14 -8.55
CA GLU A 199 -8.69 -12.25 -9.91
C GLU A 199 -7.18 -12.10 -9.99
N VAL A 200 -6.55 -11.46 -8.99
CA VAL A 200 -5.10 -11.45 -8.94
C VAL A 200 -4.58 -12.83 -8.52
N ILE A 201 -5.24 -13.47 -7.56
CA ILE A 201 -4.82 -14.80 -7.14
C ILE A 201 -4.96 -15.80 -8.26
N LYS A 202 -6.02 -15.66 -9.08
CA LYS A 202 -6.21 -16.59 -10.19
C LYS A 202 -5.45 -16.17 -11.44
N GLN A 203 -4.84 -14.98 -11.42
CA GLN A 203 -4.08 -14.46 -12.55
C GLN A 203 -4.92 -14.47 -13.82
N SER A 204 -6.21 -14.19 -13.66
CA SER A 204 -7.01 -13.81 -14.81
C SER A 204 -6.74 -12.34 -15.10
N ALA A 205 -7.40 -11.80 -16.12
CA ALA A 205 -7.23 -10.40 -16.45
C ALA A 205 -7.63 -9.55 -15.26
N TYR A 206 -6.72 -8.70 -14.79
CA TYR A 206 -7.05 -7.80 -13.71
C TYR A 206 -6.68 -6.38 -14.11
N ASP A 207 -7.37 -5.42 -13.49
CA ASP A 207 -7.20 -4.01 -13.80
C ASP A 207 -7.28 -3.23 -12.50
N SER A 208 -7.59 -1.94 -12.61
CA SER A 208 -7.63 -1.08 -11.44
C SER A 208 -8.65 -1.53 -10.39
N LYS A 209 -9.67 -2.29 -10.79
CA LYS A 209 -10.66 -2.75 -9.81
C LYS A 209 -10.03 -3.69 -8.78
N ALA A 210 -8.87 -4.28 -9.08
CA ALA A 210 -8.17 -5.08 -8.08
C ALA A 210 -7.81 -4.24 -6.87
N ASP A 211 -7.42 -2.98 -7.10
CA ASP A 211 -7.12 -2.07 -6.00
C ASP A 211 -8.37 -1.80 -5.16
N ILE A 212 -9.54 -1.80 -5.78
CA ILE A 212 -10.76 -1.52 -5.05
C ILE A 212 -11.06 -2.64 -4.07
N TRP A 213 -10.83 -3.90 -4.50
CA TRP A 213 -10.91 -5.01 -3.56
C TRP A 213 -9.93 -4.81 -2.41
N SER A 214 -8.67 -4.54 -2.72
CA SER A 214 -7.64 -4.38 -1.69
C SER A 214 -8.00 -3.24 -0.76
N LEU A 215 -8.62 -2.19 -1.30
CA LEU A 215 -9.11 -1.10 -0.46
C LEU A 215 -10.15 -1.58 0.55
N GLY A 216 -11.07 -2.46 0.13
CA GLY A 216 -12.06 -2.98 1.06
C GLY A 216 -11.42 -3.79 2.17
N ILE A 217 -10.40 -4.59 1.84
CA ILE A 217 -9.67 -5.34 2.86
C ILE A 217 -8.97 -4.38 3.80
N THR A 218 -8.41 -3.32 3.25
CA THR A 218 -7.69 -2.34 4.07
C THR A 218 -8.65 -1.57 4.98
N ALA A 219 -9.88 -1.32 4.52
CA ALA A 219 -10.88 -0.73 5.40
C ALA A 219 -11.20 -1.65 6.57
N ILE A 220 -11.30 -2.95 6.34
CA ILE A 220 -11.49 -3.87 7.44
C ILE A 220 -10.27 -3.84 8.36
N GLU A 221 -9.08 -3.78 7.78
CA GLU A 221 -7.85 -3.73 8.56
C GLU A 221 -7.80 -2.48 9.42
N LEU A 222 -8.24 -1.35 8.89
CA LEU A 222 -8.23 -0.12 9.69
C LEU A 222 -9.27 -0.15 10.80
N ALA A 223 -10.38 -0.89 10.59
CA ALA A 223 -11.47 -0.95 11.56
C ALA A 223 -11.17 -1.96 12.67
N ARG A 224 -10.60 -3.11 12.31
CA ARG A 224 -10.42 -4.23 13.22
C ARG A 224 -8.96 -4.48 13.60
N GLY A 225 -8.00 -3.89 12.90
CA GLY A 225 -6.58 -4.06 13.19
C GLY A 225 -5.86 -5.09 12.34
N GLU A 226 -6.60 -5.95 11.65
CA GLU A 226 -5.98 -6.98 10.84
C GLU A 226 -6.93 -7.34 9.71
N PRO A 227 -6.42 -7.81 8.57
CA PRO A 227 -7.29 -8.18 7.45
C PRO A 227 -8.05 -9.45 7.77
N PRO A 228 -9.10 -9.77 7.02
CA PRO A 228 -9.76 -11.07 7.19
C PRO A 228 -8.78 -12.23 7.02
N HIS A 229 -9.09 -13.31 7.73
CA HIS A 229 -8.38 -14.59 7.64
C HIS A 229 -6.96 -14.51 8.18
N SER A 230 -6.63 -13.49 8.97
CA SER A 230 -5.26 -13.33 9.41
C SER A 230 -4.80 -14.45 10.34
N GLU A 231 -5.71 -15.26 10.86
CA GLU A 231 -5.34 -16.38 11.74
C GLU A 231 -5.07 -17.66 10.96
N LEU A 232 -5.27 -17.66 9.65
CA LEU A 232 -5.13 -18.87 8.85
C LEU A 232 -3.78 -18.93 8.14
N HIS A 233 -3.36 -20.13 7.80
CA HIS A 233 -2.13 -20.30 7.06
C HIS A 233 -2.26 -19.61 5.70
N PRO A 234 -1.24 -18.84 5.28
CA PRO A 234 -1.33 -18.12 4.00
C PRO A 234 -1.68 -19.00 2.81
N MET A 235 -1.29 -20.28 2.81
CA MET A 235 -1.68 -21.13 1.71
C MET A 235 -3.16 -21.47 1.74
N LYS A 236 -3.74 -21.61 2.93
CA LYS A 236 -5.19 -21.78 3.00
C LYS A 236 -5.89 -20.52 2.50
N VAL A 237 -5.35 -19.35 2.81
CA VAL A 237 -5.99 -18.10 2.42
C VAL A 237 -5.95 -17.93 0.91
N LEU A 238 -4.80 -18.20 0.29
CA LEU A 238 -4.71 -18.16 -1.16
C LEU A 238 -5.77 -19.05 -1.80
N PHE A 239 -6.02 -20.21 -1.19
CA PHE A 239 -7.03 -21.15 -1.67
C PHE A 239 -8.44 -20.62 -1.45
N LEU A 240 -8.67 -19.99 -0.29
CA LEU A 240 -10.01 -19.55 0.10
C LEU A 240 -10.51 -18.38 -0.73
N ILE A 241 -9.68 -17.36 -0.94
CA ILE A 241 -10.19 -16.08 -1.43
C ILE A 241 -10.98 -16.22 -2.72
N PRO A 242 -10.50 -16.91 -3.77
CA PRO A 242 -11.29 -16.99 -5.00
C PRO A 242 -12.55 -17.82 -4.87
N LYS A 243 -12.59 -18.75 -3.90
CA LYS A 243 -13.68 -19.69 -3.75
C LYS A 243 -14.77 -19.23 -2.79
N ASN A 244 -14.41 -18.49 -1.74
CA ASN A 244 -15.37 -18.16 -0.70
C ASN A 244 -16.16 -16.90 -1.04
N ASN A 245 -17.30 -16.75 -0.39
CA ASN A 245 -18.00 -15.48 -0.41
C ASN A 245 -17.06 -14.41 0.12
N PRO A 246 -17.17 -13.18 -0.35
CA PRO A 246 -16.22 -12.15 0.05
C PRO A 246 -16.38 -11.80 1.52
N PRO A 247 -15.33 -11.29 2.16
CA PRO A 247 -15.46 -10.90 3.56
C PRO A 247 -16.47 -9.77 3.70
N THR A 248 -16.98 -9.61 4.91
CA THR A 248 -17.75 -8.43 5.28
C THR A 248 -17.21 -7.89 6.59
N LEU A 249 -17.50 -6.62 6.85
CA LEU A 249 -17.12 -6.02 8.12
C LEU A 249 -18.16 -6.36 9.19
N GLU A 250 -17.75 -7.11 10.21
CA GLU A 250 -18.60 -7.51 11.31
C GLU A 250 -18.22 -6.78 12.59
N GLY A 251 -19.22 -6.51 13.42
CA GLY A 251 -19.03 -5.92 14.73
C GLY A 251 -19.68 -4.56 14.83
N ASN A 252 -19.28 -3.83 15.88
CA ASN A 252 -19.90 -2.54 16.21
C ASN A 252 -19.33 -1.48 15.28
N TYR A 253 -19.88 -1.44 14.06
CA TYR A 253 -19.48 -0.45 13.08
C TYR A 253 -20.73 0.06 12.35
N SER A 254 -20.69 1.34 11.95
CA SER A 254 -21.85 1.97 11.36
C SER A 254 -22.25 1.29 10.04
N LYS A 255 -23.56 1.36 9.75
CA LYS A 255 -24.05 0.80 8.50
C LYS A 255 -23.38 1.39 7.27
N PRO A 256 -23.14 2.71 7.18
CA PRO A 256 -22.36 3.21 6.03
C PRO A 256 -20.97 2.59 5.90
N LEU A 257 -20.26 2.39 7.01
CA LEU A 257 -18.94 1.78 6.91
C LEU A 257 -19.05 0.35 6.42
N LYS A 258 -20.00 -0.41 6.95
CA LYS A 258 -20.19 -1.78 6.49
C LYS A 258 -20.54 -1.80 5.01
N GLU A 259 -21.38 -0.86 4.56
CA GLU A 259 -21.78 -0.80 3.16
C GLU A 259 -20.60 -0.40 2.26
N PHE A 260 -19.75 0.52 2.73
CA PHE A 260 -18.55 0.85 1.99
C PHE A 260 -17.69 -0.39 1.75
N VAL A 261 -17.48 -1.16 2.81
CA VAL A 261 -16.70 -2.40 2.71
C VAL A 261 -17.35 -3.37 1.73
N GLU A 262 -18.67 -3.55 1.84
CA GLU A 262 -19.37 -4.49 0.96
C GLU A 262 -19.25 -4.06 -0.50
N ALA A 263 -19.33 -2.76 -0.77
CA ALA A 263 -19.23 -2.26 -2.13
C ALA A 263 -17.87 -2.61 -2.74
N CYS A 264 -16.80 -2.47 -1.97
CA CYS A 264 -15.46 -2.81 -2.43
C CYS A 264 -15.31 -4.31 -2.62
N LEU A 265 -15.84 -5.10 -1.67
CA LEU A 265 -15.58 -6.54 -1.63
C LEU A 265 -16.70 -7.28 -2.38
N ASN A 266 -16.74 -7.05 -3.69
CA ASN A 266 -17.56 -7.85 -4.60
C ASN A 266 -16.64 -8.79 -5.37
N LYS A 267 -17.05 -10.05 -5.50
CA LYS A 267 -16.22 -11.02 -6.22
C LYS A 267 -16.00 -10.58 -7.66
N GLU A 268 -16.98 -9.94 -8.27
CA GLU A 268 -16.87 -9.53 -9.67
C GLU A 268 -16.25 -8.14 -9.73
N PRO A 269 -15.11 -7.96 -10.39
CA PRO A 269 -14.50 -6.61 -10.44
C PRO A 269 -15.37 -5.61 -11.16
N SER A 270 -16.14 -6.01 -12.18
CA SER A 270 -17.01 -5.05 -12.85
C SER A 270 -18.11 -4.51 -11.94
N PHE A 271 -18.40 -5.20 -10.83
CA PHE A 271 -19.42 -4.78 -9.87
C PHE A 271 -18.86 -3.86 -8.79
N ARG A 272 -17.55 -3.77 -8.67
CA ARG A 272 -16.96 -2.83 -7.72
C ARG A 272 -17.02 -1.42 -8.28
N PRO A 273 -17.24 -0.42 -7.44
CA PRO A 273 -17.22 0.97 -7.92
C PRO A 273 -15.78 1.43 -8.17
N THR A 274 -15.68 2.51 -8.93
CA THR A 274 -14.39 3.17 -9.10
C THR A 274 -14.04 3.97 -7.86
N ALA A 275 -12.78 4.39 -7.80
CA ALA A 275 -12.34 5.27 -6.70
C ALA A 275 -13.09 6.58 -6.73
N LYS A 276 -13.34 7.11 -7.93
CA LYS A 276 -14.04 8.38 -8.06
C LYS A 276 -15.47 8.27 -7.52
N GLU A 277 -16.11 7.12 -7.74
CA GLU A 277 -17.45 6.90 -7.19
C GLU A 277 -17.41 6.76 -5.67
N LEU A 278 -16.40 6.05 -5.14
CA LEU A 278 -16.33 5.84 -3.71
C LEU A 278 -16.04 7.12 -2.95
N LEU A 279 -15.42 8.10 -3.60
CA LEU A 279 -15.22 9.38 -2.95
C LEU A 279 -16.55 10.04 -2.62
N LYS A 280 -17.62 9.67 -3.32
CA LYS A 280 -18.96 10.17 -3.07
C LYS A 280 -19.77 9.28 -2.13
N HIS A 281 -19.19 8.19 -1.63
CA HIS A 281 -19.93 7.32 -0.72
C HIS A 281 -20.29 8.06 0.56
N LYS A 282 -21.51 7.82 1.06
CA LYS A 282 -21.98 8.56 2.23
C LYS A 282 -21.12 8.30 3.46
N PHE A 283 -20.45 7.15 3.56
CA PHE A 283 -19.55 6.97 4.69
C PHE A 283 -18.41 7.99 4.63
N ILE A 284 -17.81 8.16 3.46
CA ILE A 284 -16.72 9.12 3.31
C ILE A 284 -17.22 10.54 3.55
N LEU A 285 -18.33 10.89 2.92
CA LEU A 285 -18.79 12.28 2.96
C LEU A 285 -19.23 12.69 4.35
N ARG A 286 -19.81 11.77 5.11
CA ARG A 286 -20.35 12.13 6.41
C ARG A 286 -19.35 11.95 7.54
N ASN A 287 -18.24 11.23 7.33
CA ASN A 287 -17.31 10.96 8.42
C ASN A 287 -15.90 11.52 8.23
N ALA A 288 -15.45 11.75 7.00
CA ALA A 288 -14.09 12.25 6.80
C ALA A 288 -13.97 13.68 7.31
N LYS A 289 -12.83 13.99 7.95
CA LYS A 289 -12.55 15.34 8.46
C LYS A 289 -11.16 15.79 8.02
N LYS A 290 -10.70 16.95 8.52
CA LYS A 290 -9.41 17.47 8.09
C LYS A 290 -8.28 16.47 8.39
N THR A 291 -7.33 16.34 7.45
CA THR A 291 -6.19 15.46 7.68
C THR A 291 -5.32 15.93 8.84
N SER A 292 -5.34 17.22 9.16
CA SER A 292 -4.49 17.67 10.26
C SER A 292 -4.87 17.04 11.59
N TYR A 293 -6.13 16.61 11.75
CA TYR A 293 -6.53 15.93 12.98
C TYR A 293 -5.77 14.64 13.19
N LEU A 294 -5.25 14.05 12.11
CA LEU A 294 -4.55 12.77 12.25
C LEU A 294 -3.24 12.92 13.01
N THR A 295 -2.78 14.14 13.31
CA THR A 295 -1.67 14.26 14.25
C THR A 295 -2.01 13.66 15.61
N GLU A 296 -3.31 13.56 15.96
CA GLU A 296 -3.66 12.92 17.23
C GLU A 296 -3.29 11.46 17.21
N LEU A 297 -3.41 10.85 16.04
CA LEU A 297 -3.04 9.45 15.87
C LEU A 297 -1.54 9.27 16.06
N ILE A 298 -0.76 10.22 15.55
CA ILE A 298 0.69 10.14 15.74
C ILE A 298 1.04 10.33 17.20
N ASP A 299 0.34 11.26 17.89
CA ASP A 299 0.51 11.44 19.34
C ASP A 299 0.27 10.13 20.09
N ALA A 300 -0.76 9.38 19.70
CA ALA A 300 -1.06 8.14 20.40
C ALA A 300 0.07 7.13 20.24
N HIS A 301 0.70 7.10 19.07
CA HIS A 301 1.84 6.22 18.85
C HIS A 301 3.00 6.60 19.77
N HIS A 302 3.31 7.91 19.84
CA HIS A 302 4.35 8.36 20.74
C HIS A 302 4.05 7.94 22.18
N HIS A 303 2.82 8.16 22.64
CA HIS A 303 2.45 7.79 24.00
C HIS A 303 2.56 6.28 24.20
N HIS A 304 2.16 5.50 23.20
CA HIS A 304 2.25 4.04 23.26
C HIS A 304 3.68 3.58 23.46
N HIS A 305 4.64 4.25 22.82
CA HIS A 305 6.03 3.84 22.84
C HIS A 305 6.92 4.70 23.74
N HIS A 306 6.34 5.67 24.44
CA HIS A 306 7.13 6.51 25.35
C HIS A 306 7.63 5.72 26.55
C10 VY0 B . 9.00 6.87 10.21
C7 VY0 B . 8.05 5.16 6.98
C5 VY0 B . 6.14 1.71 5.83
C6 VY0 B . 7.06 3.18 7.59
C1 VY0 B . 7.96 2.20 2.17
C2 VY0 B . 6.60 1.65 2.63
C3 VY0 B . 6.70 0.51 3.63
C4 VY0 B . 7.18 0.91 5.04
C11 VY0 B . 8.49 5.95 11.11
C12 VY0 B . 7.85 4.82 10.69
C13 VY0 B . 7.71 4.56 9.30
C14 VY0 B . 8.43 5.88 4.65
C15 VY0 B . 8.13 4.70 3.93
C16 VY0 B . 8.23 5.07 2.60
C8 VY0 B . 8.23 5.49 8.37
C9 VY0 B . 8.87 6.66 8.86
N1 VY0 B . 6.56 1.98 7.19
N2 VY0 B . 7.49 4.00 6.62
N3 VY0 B . 7.11 3.40 8.91
N4 VY0 B . 8.44 6.04 6.02
O VY0 B . 7.98 5.26 0.27
C VY0 B . 8.01 4.51 1.24
N5 VY0 B . 8.58 6.38 2.59
N6 VY0 B . 8.71 6.90 3.85
N VY0 B . 7.83 3.19 1.10
C1 EDO C . -2.07 -10.22 8.73
O1 EDO C . -0.93 -9.42 8.40
C2 EDO C . -1.70 -11.13 9.90
O2 EDO C . -1.31 -12.41 9.39
#